data_4H4D
#
_entry.id   4H4D
#
_cell.length_a   71.320
_cell.length_b   80.710
_cell.length_c   112.110
_cell.angle_alpha   90.00
_cell.angle_beta   90.00
_cell.angle_gamma   90.00
#
_symmetry.space_group_name_H-M   'P 21 21 21'
#
loop_
_entity.id
_entity.type
_entity.pdbx_description
1 polymer '4-hydroxy-3-methylbut-2-enyl diphosphate reductase'
2 non-polymer 'IRON/SULFUR CLUSTER'
3 non-polymer '(2E)-4-amino-3-methylbut-2-en-1-yl trihydrogen diphosphate'
4 water water
#
_entity_poly.entity_id   1
_entity_poly.type   'polypeptide(L)'
_entity_poly.pdbx_seq_one_letter_code
;HHHHHHGSMQILLANPRGFCAGVDRAISIVENALAIYGAPIYVRHEVVHNRYVVDSLRERGAIFIEQISEVPDGAILIFS
AHGVSQAVRNEAKSRDLTVFDATCPLVTKVHMEVARASRRGEESILIGHAGHPEVEGTMGQYSNPEGGMYLVESPDDVWK
LTVKNEEKLSFMTQTTLSVDDTSDVIDALRKRFPKIVGPRKDDICYATTNRQEAVRALAEQAEVVLVVGSKNSSNSNRLA
ELAQRMGKRAFLIDDAKDIQEEWVKEVKCVGVTAGASAPDILVQNVVARLQQLGGGEAIPLEGREENIVFEVPKELRVDI
REV
;
_entity_poly.pdbx_strand_id   A,B
#
# COMPACT_ATOMS: atom_id res chain seq x y z
N MET A 9 -34.96 -11.32 -15.61
CA MET A 9 -34.44 -10.36 -14.63
C MET A 9 -32.97 -10.34 -14.91
N GLN A 10 -32.39 -9.15 -15.00
CA GLN A 10 -30.97 -9.03 -15.28
C GLN A 10 -30.27 -9.06 -13.88
N ILE A 11 -29.22 -9.87 -13.83
CA ILE A 11 -28.30 -9.92 -12.67
C ILE A 11 -27.00 -9.20 -13.01
N LEU A 12 -26.67 -8.22 -12.17
CA LEU A 12 -25.43 -7.47 -12.33
C LEU A 12 -24.51 -7.77 -11.13
N LEU A 13 -23.22 -7.88 -11.39
CA LEU A 13 -22.21 -8.09 -10.34
C LEU A 13 -21.32 -6.87 -10.20
N ALA A 14 -21.13 -6.39 -8.98
CA ALA A 14 -20.28 -5.21 -8.72
C ALA A 14 -18.82 -5.63 -8.86
N ASN A 15 -17.99 -4.67 -9.31
CA ASN A 15 -16.56 -4.91 -9.35
C ASN A 15 -15.84 -3.64 -8.98
N PRO A 16 -14.89 -3.75 -8.02
CA PRO A 16 -14.56 -4.95 -7.20
C PRO A 16 -15.59 -5.35 -6.15
N ARG A 17 -15.44 -6.60 -5.76
CA ARG A 17 -16.24 -7.18 -4.68
C ARG A 17 -15.43 -8.23 -4.02
N GLY A 18 -15.88 -8.68 -2.85
CA GLY A 18 -15.21 -9.82 -2.26
C GLY A 18 -13.83 -9.60 -1.69
N PHE A 19 -13.08 -10.67 -1.62
CA PHE A 19 -11.87 -10.66 -0.75
C PHE A 19 -10.97 -9.54 -1.07
N CYS A 20 -10.48 -8.91 -0.06
CA CYS A 20 -9.35 -7.92 -0.16
C CYS A 20 -7.99 -8.61 0.15
N ALA A 21 -6.90 -7.86 0.02
CA ALA A 21 -5.55 -8.44 0.29
C ALA A 21 -5.35 -8.88 1.77
N GLY A 22 -5.81 -8.06 2.69
CA GLY A 22 -5.66 -8.44 4.08
C GLY A 22 -6.39 -9.70 4.53
N VAL A 23 -7.58 -9.86 3.98
CA VAL A 23 -8.39 -11.06 4.29
C VAL A 23 -7.76 -12.33 3.68
N ASP A 24 -7.35 -12.16 2.41
CA ASP A 24 -6.75 -13.37 1.76
C ASP A 24 -5.50 -13.79 2.55
N ARG A 25 -4.69 -12.83 2.96
CA ARG A 25 -3.50 -13.19 3.77
C ARG A 25 -3.90 -13.84 5.13
N ALA A 26 -4.83 -13.17 5.83
CA ALA A 26 -5.21 -13.66 7.14
C ALA A 26 -5.74 -15.10 7.14
N ILE A 27 -6.60 -15.41 6.19
CA ILE A 27 -7.04 -16.76 6.06
C ILE A 27 -5.92 -17.73 5.74
N SER A 28 -5.02 -17.34 4.83
CA SER A 28 -3.90 -18.22 4.52
C SER A 28 -3.04 -18.43 5.76
N ILE A 29 -2.88 -17.42 6.60
CA ILE A 29 -2.07 -17.62 7.83
C ILE A 29 -2.70 -18.72 8.64
N VAL A 30 -4.01 -18.69 8.84
CA VAL A 30 -4.64 -19.72 9.73
C VAL A 30 -4.57 -21.09 9.04
N GLU A 31 -4.81 -21.16 7.71
CA GLU A 31 -4.79 -22.46 7.03
C GLU A 31 -3.40 -23.02 7.07
N ASN A 32 -2.39 -22.18 6.81
CA ASN A 32 -1.01 -22.68 6.77
C ASN A 32 -0.60 -23.04 8.18
N ALA A 33 -1.02 -22.34 9.23
CA ALA A 33 -0.63 -22.74 10.57
C ALA A 33 -1.27 -24.10 10.90
N LEU A 34 -2.54 -24.36 10.52
CA LEU A 34 -3.13 -25.70 10.66
C LEU A 34 -2.33 -26.75 9.88
N ALA A 35 -1.81 -26.44 8.68
CA ALA A 35 -1.22 -27.51 7.86
C ALA A 35 0.18 -27.77 8.49
N ILE A 36 0.88 -26.76 8.99
CA ILE A 36 2.22 -26.93 9.57
C ILE A 36 2.24 -27.53 10.95
N TYR A 37 1.45 -27.00 11.84
CA TYR A 37 1.43 -27.42 13.25
C TYR A 37 0.33 -28.39 13.61
N GLY A 38 -0.72 -28.53 12.81
CA GLY A 38 -1.86 -29.34 13.23
C GLY A 38 -2.84 -28.62 14.14
N ALA A 39 -4.00 -29.23 14.34
CA ALA A 39 -5.00 -28.74 15.30
C ALA A 39 -4.56 -28.99 16.74
N PRO A 40 -4.92 -28.12 17.68
CA PRO A 40 -5.73 -26.89 17.55
C PRO A 40 -4.79 -25.72 17.31
N ILE A 41 -5.30 -24.75 16.55
CA ILE A 41 -4.65 -23.44 16.36
C ILE A 41 -5.61 -22.46 16.99
N TYR A 42 -5.15 -21.67 17.97
CA TYR A 42 -5.97 -20.68 18.58
C TYR A 42 -5.95 -19.40 17.80
N VAL A 43 -7.12 -18.77 17.64
CA VAL A 43 -7.23 -17.47 16.96
C VAL A 43 -7.93 -16.48 17.83
N ARG A 44 -7.31 -15.35 18.07
CA ARG A 44 -7.94 -14.28 18.87
C ARG A 44 -8.89 -13.49 17.94
N HIS A 45 -10.17 -13.74 18.18
CA HIS A 45 -11.35 -13.20 17.45
C HIS A 45 -11.52 -13.97 16.12
N GLU A 46 -12.73 -13.99 15.59
CA GLU A 46 -12.97 -14.45 14.24
C GLU A 46 -11.85 -13.85 13.34
N VAL A 47 -11.13 -14.74 12.61
CA VAL A 47 -9.98 -14.25 11.75
C VAL A 47 -10.45 -13.15 10.83
N VAL A 48 -11.58 -13.36 10.22
CA VAL A 48 -12.36 -12.33 9.45
C VAL A 48 -13.80 -12.53 9.86
N HIS A 49 -14.62 -11.53 9.63
CA HIS A 49 -16.03 -11.56 10.04
C HIS A 49 -16.86 -12.21 8.93
N ASN A 50 -16.66 -13.49 8.71
CA ASN A 50 -17.45 -14.24 7.81
C ASN A 50 -17.77 -15.60 8.37
N ARG A 51 -19.06 -15.92 8.50
CA ARG A 51 -19.48 -17.14 9.18
C ARG A 51 -19.05 -18.37 8.43
N TYR A 52 -19.16 -18.32 7.09
CA TYR A 52 -18.70 -19.45 6.28
C TYR A 52 -17.20 -19.77 6.42
N VAL A 53 -16.37 -18.74 6.40
CA VAL A 53 -14.93 -18.96 6.61
C VAL A 53 -14.64 -19.46 8.02
N VAL A 54 -15.23 -18.81 9.05
CA VAL A 54 -14.96 -19.18 10.47
C VAL A 54 -15.44 -20.61 10.77
N ASP A 55 -16.64 -20.96 10.26
CA ASP A 55 -17.19 -22.31 10.57
C ASP A 55 -16.30 -23.37 9.94
N SER A 56 -15.78 -23.14 8.75
CA SER A 56 -14.96 -24.19 8.12
C SER A 56 -13.60 -24.27 8.81
N LEU A 57 -13.02 -23.12 9.18
CA LEU A 57 -11.72 -23.20 9.90
C LEU A 57 -11.95 -23.89 11.24
N ARG A 58 -13.08 -23.65 11.95
CA ARG A 58 -13.36 -24.30 13.20
C ARG A 58 -13.42 -25.83 13.02
N GLU A 59 -14.08 -26.26 11.95
CA GLU A 59 -14.15 -27.69 11.65
C GLU A 59 -12.77 -28.25 11.38
N ARG A 60 -11.85 -27.46 10.81
CA ARG A 60 -10.51 -27.92 10.51
C ARG A 60 -9.58 -27.83 11.78
N GLY A 61 -10.05 -27.36 12.96
CA GLY A 61 -9.11 -27.33 14.13
C GLY A 61 -8.80 -25.98 14.69
N ALA A 62 -9.27 -24.89 14.04
CA ALA A 62 -9.07 -23.56 14.64
C ALA A 62 -10.03 -23.41 15.86
N ILE A 63 -9.56 -22.77 16.90
CA ILE A 63 -10.44 -22.44 18.04
C ILE A 63 -10.41 -20.94 18.21
N PHE A 64 -11.54 -20.26 18.08
CA PHE A 64 -11.65 -18.79 18.15
C PHE A 64 -12.00 -18.35 19.54
N ILE A 65 -11.17 -17.49 20.12
CA ILE A 65 -11.28 -17.03 21.53
C ILE A 65 -11.22 -15.54 21.62
N GLU A 66 -11.67 -14.93 22.69
CA GLU A 66 -11.59 -13.48 22.78
C GLU A 66 -10.51 -13.01 23.70
N GLN A 67 -10.29 -13.79 24.76
CA GLN A 67 -9.38 -13.41 25.81
C GLN A 67 -8.21 -14.38 25.85
N ILE A 68 -7.01 -13.85 26.01
CA ILE A 68 -5.79 -14.71 26.04
C ILE A 68 -5.82 -15.76 27.21
N SER A 69 -6.56 -15.48 28.30
CA SER A 69 -6.69 -16.44 29.38
C SER A 69 -7.58 -17.62 29.01
N GLU A 70 -8.16 -17.65 27.82
CA GLU A 70 -8.85 -18.86 27.31
C GLU A 70 -7.86 -19.79 26.60
N VAL A 71 -6.64 -19.32 26.34
CA VAL A 71 -5.63 -20.11 25.62
C VAL A 71 -4.65 -20.89 26.51
N PRO A 72 -4.51 -22.21 26.28
CA PRO A 72 -3.60 -22.98 27.20
C PRO A 72 -2.11 -22.73 26.93
N ASP A 73 -1.24 -22.91 27.94
CA ASP A 73 0.19 -22.83 27.75
C ASP A 73 0.67 -23.75 26.63
N GLY A 74 1.72 -23.34 25.95
CA GLY A 74 2.32 -24.09 24.83
C GLY A 74 1.56 -24.00 23.49
N ALA A 75 0.41 -23.36 23.49
CA ALA A 75 -0.36 -23.20 22.24
C ALA A 75 0.23 -22.24 21.17
N ILE A 76 -0.29 -22.41 19.96
CA ILE A 76 -0.13 -21.44 18.83
C ILE A 76 -1.36 -20.57 18.84
N LEU A 77 -1.08 -19.28 18.83
CA LEU A 77 -2.10 -18.25 18.82
C LEU A 77 -1.89 -17.28 17.65
N ILE A 78 -2.96 -17.03 16.92
CA ILE A 78 -2.89 -16.06 15.76
C ILE A 78 -3.83 -14.90 16.11
N PHE A 79 -3.33 -13.64 15.97
CA PHE A 79 -4.25 -12.51 16.16
C PHE A 79 -5.06 -12.27 14.85
N SER A 80 -6.34 -11.92 14.96
CA SER A 80 -7.22 -11.76 13.76
C SER A 80 -6.74 -10.57 12.87
N ALA A 81 -7.35 -10.47 11.72
CA ALA A 81 -6.97 -9.42 10.77
C ALA A 81 -7.27 -8.01 11.27
N HIS A 82 -8.22 -7.92 12.21
CA HIS A 82 -8.66 -6.63 12.71
C HIS A 82 -7.65 -6.01 13.70
N GLY A 83 -6.74 -6.77 14.20
CA GLY A 83 -5.65 -6.29 15.10
C GLY A 83 -6.07 -6.42 16.54
N VAL A 84 -5.07 -6.18 17.42
CA VAL A 84 -5.32 -6.29 18.87
C VAL A 84 -4.62 -5.13 19.60
N SER A 85 -5.08 -4.86 20.82
CA SER A 85 -4.42 -3.81 21.61
C SER A 85 -3.02 -4.26 22.03
N GLN A 86 -2.20 -3.26 22.48
CA GLN A 86 -0.86 -3.60 23.01
C GLN A 86 -1.01 -4.43 24.32
N ALA A 87 -2.09 -4.19 25.09
CA ALA A 87 -2.31 -4.99 26.31
C ALA A 87 -2.52 -6.50 25.98
N VAL A 88 -3.30 -6.80 24.90
CA VAL A 88 -3.49 -8.15 24.44
C VAL A 88 -2.13 -8.69 23.93
N ARG A 89 -1.39 -7.95 23.10
CA ARG A 89 -0.11 -8.42 22.61
C ARG A 89 0.84 -8.73 23.74
N ASN A 90 0.92 -7.84 24.72
CA ASN A 90 1.89 -8.06 25.82
C ASN A 90 1.41 -9.20 26.73
N GLU A 91 0.12 -9.43 26.85
CA GLU A 91 -0.40 -10.58 27.65
C GLU A 91 0.02 -11.86 26.95
N ALA A 92 -0.13 -11.91 25.62
CA ALA A 92 0.40 -13.09 24.86
C ALA A 92 1.90 -13.28 24.95
N LYS A 93 2.65 -12.19 24.85
CA LYS A 93 4.14 -12.22 25.01
C LYS A 93 4.58 -12.79 26.37
N SER A 94 3.84 -12.53 27.44
CA SER A 94 4.30 -12.88 28.78
C SER A 94 3.89 -14.29 29.07
N ARG A 95 2.92 -14.81 28.32
CA ARG A 95 2.43 -16.20 28.48
C ARG A 95 3.32 -17.12 27.65
N ASP A 96 3.15 -18.42 27.85
CA ASP A 96 3.97 -19.45 27.17
C ASP A 96 3.23 -19.90 25.88
N LEU A 97 3.37 -19.09 24.82
CA LEU A 97 2.58 -19.15 23.57
C LEU A 97 3.50 -18.87 22.38
N THR A 98 3.25 -19.52 21.25
CA THR A 98 3.83 -19.13 19.94
C THR A 98 2.79 -18.26 19.23
N VAL A 99 3.17 -17.04 18.88
CA VAL A 99 2.24 -16.05 18.33
C VAL A 99 2.52 -15.76 16.88
N PHE A 100 1.46 -15.80 16.06
CA PHE A 100 1.54 -15.25 14.68
C PHE A 100 0.48 -14.14 14.55
N ASP A 101 0.80 -13.14 13.73
CA ASP A 101 -0.05 -11.95 13.73
C ASP A 101 -0.68 -11.87 12.30
N ALA A 102 -2.00 -12.05 12.19
CA ALA A 102 -2.64 -11.83 10.89
C ALA A 102 -3.15 -10.43 10.75
N THR A 103 -2.80 -9.50 11.62
CA THR A 103 -3.26 -8.11 11.47
C THR A 103 -3.04 -7.60 10.04
N CYS A 104 -4.04 -7.00 9.39
CA CYS A 104 -3.74 -6.50 8.05
C CYS A 104 -2.71 -5.36 8.20
N PRO A 105 -1.77 -5.30 7.17
CA PRO A 105 -0.82 -4.21 7.21
C PRO A 105 -1.47 -2.81 7.16
N LEU A 106 -2.64 -2.68 6.58
CA LEU A 106 -3.25 -1.31 6.52
C LEU A 106 -3.91 -0.94 7.85
N VAL A 107 -4.06 -1.92 8.77
CA VAL A 107 -4.46 -1.63 10.18
C VAL A 107 -3.21 -1.27 10.98
N THR A 108 -2.21 -2.08 10.78
CA THR A 108 -0.91 -1.84 11.49
C THR A 108 -0.43 -0.41 11.24
N LYS A 109 -0.58 0.07 10.01
CA LYS A 109 -0.13 1.48 9.69
C LYS A 109 -0.79 2.50 10.59
N VAL A 110 -2.09 2.30 10.90
CA VAL A 110 -2.83 3.21 11.80
C VAL A 110 -2.26 3.05 13.23
N HIS A 111 -2.05 1.79 13.63
CA HIS A 111 -1.58 1.54 14.97
C HIS A 111 -0.29 2.27 15.29
N MET A 112 0.65 2.24 14.33
CA MET A 112 1.96 2.92 14.56
C MET A 112 1.82 4.40 14.77
N GLU A 113 0.85 5.02 14.11
CA GLU A 113 0.63 6.47 14.36
C GLU A 113 0.05 6.71 15.72
N VAL A 114 -0.87 5.86 16.19
CA VAL A 114 -1.44 6.05 17.54
C VAL A 114 -0.35 5.82 18.62
N ALA A 115 0.51 4.84 18.41
CA ALA A 115 1.61 4.59 19.35
C ALA A 115 2.59 5.77 19.41
N ARG A 116 2.82 6.44 18.30
CA ARG A 116 3.76 7.59 18.28
C ARG A 116 3.13 8.74 19.11
N ALA A 117 1.82 9.01 18.91
CA ALA A 117 1.21 10.10 19.66
C ALA A 117 1.25 9.78 21.17
N SER A 118 1.02 8.53 21.50
CA SER A 118 1.08 8.12 22.94
C SER A 118 2.41 8.41 23.56
N ARG A 119 3.48 8.08 22.83
CA ARG A 119 4.87 8.26 23.38
C ARG A 119 5.04 9.71 23.66
N ARG A 120 4.47 10.56 22.81
CA ARG A 120 4.67 12.04 22.92
C ARG A 120 3.77 12.68 23.92
N GLY A 121 2.79 11.94 24.46
CA GLY A 121 1.84 12.52 25.38
C GLY A 121 0.86 13.45 24.70
N GLU A 122 0.64 13.26 23.40
CA GLU A 122 -0.22 14.14 22.66
C GLU A 122 -1.49 13.43 22.25
N GLU A 123 -2.56 14.19 22.26
CA GLU A 123 -3.90 13.58 22.11
C GLU A 123 -4.19 13.16 20.66
N SER A 124 -4.97 12.07 20.57
CA SER A 124 -5.45 11.58 19.30
C SER A 124 -6.92 11.33 19.39
N ILE A 125 -7.54 11.44 18.23
CA ILE A 125 -8.97 11.17 17.98
C ILE A 125 -9.10 10.05 17.00
N LEU A 126 -9.80 8.97 17.30
CA LEU A 126 -10.16 7.94 16.30
C LEU A 126 -11.59 8.16 15.85
N ILE A 127 -11.82 8.07 14.56
CA ILE A 127 -13.13 8.00 14.00
C ILE A 127 -13.43 6.55 13.75
N GLY A 128 -14.45 6.02 14.45
CA GLY A 128 -14.82 4.61 14.32
C GLY A 128 -16.02 4.24 15.16
N HIS A 129 -16.39 2.98 15.10
CA HIS A 129 -17.66 2.47 15.76
C HIS A 129 -17.28 1.77 17.06
N ALA A 130 -17.88 2.25 18.13
CA ALA A 130 -17.59 1.66 19.44
C ALA A 130 -17.89 0.14 19.48
N GLY A 131 -16.99 -0.57 20.10
CA GLY A 131 -17.15 -2.00 20.26
C GLY A 131 -16.56 -2.92 19.22
N HIS A 132 -16.18 -2.33 18.09
CA HIS A 132 -15.69 -3.17 17.02
C HIS A 132 -14.24 -3.57 17.37
N PRO A 133 -13.81 -4.78 17.01
CA PRO A 133 -12.50 -5.21 17.47
C PRO A 133 -11.38 -4.32 16.81
N GLU A 134 -11.49 -3.76 15.60
CA GLU A 134 -10.45 -2.92 15.07
C GLU A 134 -10.31 -1.66 15.92
N VAL A 135 -11.43 -1.07 16.35
CA VAL A 135 -11.46 0.10 17.23
C VAL A 135 -10.84 -0.19 18.56
N GLU A 136 -11.17 -1.35 19.18
CA GLU A 136 -10.49 -1.74 20.46
C GLU A 136 -9.01 -1.90 20.31
N GLY A 137 -8.58 -2.44 19.17
CA GLY A 137 -7.15 -2.58 18.95
C GLY A 137 -6.36 -1.29 18.73
N THR A 138 -6.97 -0.39 17.96
CA THR A 138 -6.32 0.87 17.64
C THR A 138 -6.37 1.83 18.84
N MET A 139 -7.51 1.93 19.52
CA MET A 139 -7.54 2.72 20.82
C MET A 139 -6.58 2.09 21.85
N GLY A 140 -6.42 0.75 21.77
CA GLY A 140 -5.50 0.04 22.61
C GLY A 140 -4.06 0.19 22.27
N GLN A 141 -3.65 1.03 21.28
CA GLN A 141 -2.24 1.42 21.08
C GLN A 141 -1.89 2.68 21.89
N TYR A 142 -2.85 3.31 22.57
CA TYR A 142 -2.60 4.53 23.31
C TYR A 142 -2.61 4.24 24.80
N SER A 143 -1.58 4.68 25.52
CA SER A 143 -1.50 4.37 26.96
C SER A 143 -0.91 5.42 27.87
N ASN A 144 -0.79 6.65 27.43
CA ASN A 144 -0.23 7.68 28.25
C ASN A 144 -1.34 8.54 28.89
N PRO A 145 -1.44 8.46 30.25
CA PRO A 145 -2.52 9.22 30.92
C PRO A 145 -2.41 10.78 30.86
N GLU A 146 -1.25 11.33 30.51
CA GLU A 146 -1.06 12.77 30.37
C GLU A 146 -1.68 13.26 29.09
N GLY A 147 -1.80 12.36 28.09
CA GLY A 147 -2.42 12.70 26.76
C GLY A 147 -3.88 12.28 26.82
N GLY A 148 -4.34 11.64 25.74
CA GLY A 148 -5.68 11.12 25.73
C GLY A 148 -5.95 10.55 24.35
N MET A 149 -6.92 9.67 24.31
CA MET A 149 -7.40 8.97 23.12
C MET A 149 -8.88 8.98 23.16
N TYR A 150 -9.51 9.61 22.14
CA TYR A 150 -10.95 9.86 22.14
C TYR A 150 -11.57 9.20 20.93
N LEU A 151 -12.72 8.62 21.07
CA LEU A 151 -13.47 8.01 19.96
C LEU A 151 -14.64 8.85 19.57
N VAL A 152 -14.74 9.19 18.26
CA VAL A 152 -15.97 9.83 17.76
C VAL A 152 -16.54 9.04 16.65
N GLU A 153 -17.84 9.00 16.57
CA GLU A 153 -18.56 8.25 15.55
C GLU A 153 -19.28 9.19 14.53
N SER A 154 -19.51 10.43 14.84
CA SER A 154 -20.42 11.29 14.10
C SER A 154 -19.96 12.73 14.35
N PRO A 155 -20.48 13.65 13.53
CA PRO A 155 -20.20 15.07 13.81
C PRO A 155 -20.76 15.48 15.17
N ASP A 156 -21.94 14.96 15.56
CA ASP A 156 -22.46 15.27 16.91
C ASP A 156 -21.46 14.90 17.99
N ASP A 157 -20.73 13.80 17.85
CA ASP A 157 -19.72 13.47 18.86
C ASP A 157 -18.56 14.46 18.86
N VAL A 158 -18.16 14.91 17.65
CA VAL A 158 -17.15 15.94 17.59
C VAL A 158 -17.59 17.26 18.31
N TRP A 159 -18.88 17.63 18.10
CA TRP A 159 -19.35 18.91 18.64
C TRP A 159 -19.41 18.86 20.15
N LYS A 160 -19.37 17.67 20.79
CA LYS A 160 -19.36 17.52 22.27
C LYS A 160 -17.97 17.33 22.87
N LEU A 161 -16.94 17.09 22.06
CA LEU A 161 -15.63 16.65 22.59
C LEU A 161 -14.85 17.88 23.05
N THR A 162 -14.23 17.78 24.21
CA THR A 162 -13.20 18.74 24.63
C THR A 162 -11.95 17.92 24.85
N VAL A 163 -10.82 18.53 24.52
CA VAL A 163 -9.53 17.97 24.71
C VAL A 163 -8.65 18.93 25.51
N LYS A 164 -7.52 18.39 25.97
CA LYS A 164 -6.68 19.13 26.88
C LYS A 164 -5.83 20.11 26.18
N ASN A 165 -5.29 19.77 24.99
CA ASN A 165 -4.42 20.66 24.22
C ASN A 165 -4.71 20.55 22.72
N GLU A 166 -5.61 21.39 22.22
CA GLU A 166 -6.03 21.23 20.82
C GLU A 166 -4.94 21.76 19.87
N GLU A 167 -3.84 22.34 20.40
CA GLU A 167 -2.75 22.74 19.49
C GLU A 167 -1.90 21.51 19.14
N LYS A 168 -2.03 20.41 19.91
CA LYS A 168 -1.18 19.22 19.60
C LYS A 168 -2.11 18.03 19.45
N LEU A 169 -2.77 17.91 18.31
CA LEU A 169 -3.90 16.96 18.23
C LEU A 169 -3.83 16.29 16.92
N SER A 170 -4.09 14.99 16.90
CA SER A 170 -4.19 14.32 15.58
C SER A 170 -5.37 13.38 15.48
N PHE A 171 -5.67 12.98 14.24
CA PHE A 171 -6.75 11.98 14.10
C PHE A 171 -6.39 10.84 13.24
N MET A 172 -7.11 9.76 13.42
CA MET A 172 -6.94 8.51 12.69
C MET A 172 -8.32 7.99 12.43
N THR A 173 -8.44 6.98 11.54
CA THR A 173 -9.84 6.38 11.31
C THR A 173 -9.73 4.85 11.26
N GLN A 174 -10.89 4.25 11.51
CA GLN A 174 -11.09 2.86 11.21
C GLN A 174 -10.99 2.64 9.68
N THR A 175 -10.58 1.48 9.29
CA THR A 175 -10.29 1.21 7.87
C THR A 175 -11.54 0.96 6.98
N THR A 176 -12.68 0.67 7.59
CA THR A 176 -13.81 0.10 6.89
C THR A 176 -15.03 1.03 6.95
N LEU A 177 -14.86 2.30 7.26
CA LEU A 177 -16.01 3.22 7.42
C LEU A 177 -16.64 3.64 6.08
N SER A 178 -17.82 4.24 6.19
CA SER A 178 -18.43 4.95 5.07
C SER A 178 -17.51 6.10 4.67
N VAL A 179 -17.10 6.17 3.42
CA VAL A 179 -16.28 7.27 2.89
C VAL A 179 -17.08 8.61 3.04
N ASP A 180 -18.36 8.62 2.70
CA ASP A 180 -19.12 9.84 2.77
C ASP A 180 -19.31 10.31 4.22
N ASP A 181 -19.69 9.40 5.14
CA ASP A 181 -19.91 9.88 6.53
C ASP A 181 -18.61 10.29 7.19
N THR A 182 -17.50 9.63 6.84
CA THR A 182 -16.21 10.00 7.46
C THR A 182 -15.79 11.40 6.99
N SER A 183 -16.04 11.75 5.74
CA SER A 183 -15.75 13.12 5.26
C SER A 183 -16.51 14.11 6.13
N ASP A 184 -17.79 13.85 6.47
CA ASP A 184 -18.57 14.75 7.31
C ASP A 184 -17.89 14.87 8.74
N VAL A 185 -17.38 13.79 9.31
CA VAL A 185 -16.74 13.85 10.63
C VAL A 185 -15.46 14.66 10.60
N ILE A 186 -14.64 14.47 9.53
CA ILE A 186 -13.40 15.21 9.38
C ILE A 186 -13.70 16.69 9.22
N ASP A 187 -14.71 17.02 8.46
CA ASP A 187 -15.00 18.44 8.24
C ASP A 187 -15.40 19.02 9.60
N ALA A 188 -16.15 18.30 10.46
CA ALA A 188 -16.39 18.80 11.79
C ALA A 188 -15.15 18.94 12.62
N LEU A 189 -14.28 17.91 12.66
CA LEU A 189 -13.01 17.98 13.35
C LEU A 189 -12.22 19.23 12.99
N ARG A 190 -12.11 19.54 11.67
CA ARG A 190 -11.25 20.65 11.27
C ARG A 190 -11.93 21.97 11.65
N LYS A 191 -13.24 22.05 11.64
CA LYS A 191 -13.90 23.30 12.14
C LYS A 191 -13.73 23.52 13.61
N ARG A 192 -13.78 22.46 14.40
CA ARG A 192 -13.72 22.60 15.81
C ARG A 192 -12.23 22.75 16.30
N PHE A 193 -11.32 22.03 15.62
CA PHE A 193 -9.93 21.93 16.03
C PHE A 193 -9.08 22.31 14.81
N PRO A 194 -8.91 23.60 14.56
CA PRO A 194 -8.30 23.99 13.29
C PRO A 194 -6.86 23.52 13.16
N LYS A 195 -6.14 23.27 14.24
CA LYS A 195 -4.75 22.80 14.11
C LYS A 195 -4.62 21.29 14.07
N ILE A 196 -5.73 20.57 13.99
CA ILE A 196 -5.60 19.07 14.02
C ILE A 196 -4.85 18.55 12.80
N VAL A 197 -4.07 17.51 13.00
CA VAL A 197 -3.26 16.94 11.94
C VAL A 197 -3.72 15.50 11.66
N GLY A 198 -3.81 15.14 10.39
CA GLY A 198 -4.13 13.80 9.94
C GLY A 198 -3.47 13.43 8.64
N PRO A 199 -3.85 12.28 8.07
CA PRO A 199 -3.41 11.95 6.68
C PRO A 199 -4.04 12.87 5.72
N ARG A 200 -3.71 12.69 4.45
CA ARG A 200 -4.25 13.61 3.47
C ARG A 200 -5.78 13.52 3.45
N LYS A 201 -6.34 12.30 3.60
CA LYS A 201 -7.80 12.08 3.52
C LYS A 201 -8.25 11.39 4.84
N ASP A 202 -8.00 10.09 4.97
CA ASP A 202 -8.42 9.27 6.16
C ASP A 202 -7.57 8.01 6.04
N ASP A 203 -7.88 7.06 6.92
CA ASP A 203 -7.30 5.72 6.98
C ASP A 203 -8.16 4.66 6.38
N ILE A 204 -9.26 5.04 5.69
CA ILE A 204 -10.15 4.09 5.01
C ILE A 204 -9.27 3.39 3.95
N CYS A 205 -9.27 2.06 3.89
CA CYS A 205 -8.38 1.40 3.00
C CYS A 205 -8.90 1.38 1.58
N TYR A 206 -8.00 1.01 0.63
CA TYR A 206 -8.33 0.90 -0.76
C TYR A 206 -9.50 -0.03 -1.01
N ALA A 207 -9.63 -1.11 -0.24
CA ALA A 207 -10.67 -2.08 -0.57
C ALA A 207 -12.02 -1.54 -0.21
N THR A 208 -12.08 -0.82 0.90
CA THR A 208 -13.37 -0.23 1.38
C THR A 208 -13.78 0.86 0.43
N THR A 209 -12.85 1.77 0.03
CA THR A 209 -13.18 2.81 -0.95
C THR A 209 -13.67 2.18 -2.23
N ASN A 210 -12.97 1.18 -2.70
CA ASN A 210 -13.27 0.63 -4.04
C ASN A 210 -14.59 -0.15 -3.98
N ARG A 211 -14.91 -0.86 -2.92
CA ARG A 211 -16.17 -1.61 -2.86
C ARG A 211 -17.34 -0.68 -2.69
N GLN A 212 -17.22 0.44 -1.99
CA GLN A 212 -18.22 1.46 -1.90
C GLN A 212 -18.44 2.17 -3.24
N GLU A 213 -17.36 2.49 -3.99
CA GLU A 213 -17.57 3.09 -5.36
C GLU A 213 -18.29 2.08 -6.22
N ALA A 214 -17.93 0.83 -6.14
CA ALA A 214 -18.55 -0.18 -6.98
C ALA A 214 -20.00 -0.42 -6.65
N VAL A 215 -20.40 -0.39 -5.37
CA VAL A 215 -21.81 -0.62 -5.07
C VAL A 215 -22.60 0.63 -5.44
N ARG A 216 -22.01 1.84 -5.42
CA ARG A 216 -22.66 3.06 -5.92
C ARG A 216 -22.98 2.89 -7.41
N ALA A 217 -22.04 2.40 -8.20
CA ALA A 217 -22.34 2.19 -9.64
C ALA A 217 -23.40 1.10 -9.79
N LEU A 218 -23.35 0.06 -9.00
CA LEU A 218 -24.29 -1.02 -9.09
C LEU A 218 -25.68 -0.59 -8.74
N ALA A 219 -25.84 0.20 -7.68
CA ALA A 219 -27.18 0.61 -7.21
C ALA A 219 -27.81 1.62 -8.16
N GLU A 220 -26.99 2.29 -8.97
CA GLU A 220 -27.55 3.21 -9.95
C GLU A 220 -28.34 2.44 -11.01
N GLN A 221 -27.91 1.24 -11.33
CA GLN A 221 -28.63 0.36 -12.30
C GLN A 221 -29.68 -0.60 -11.69
N ALA A 222 -29.40 -1.16 -10.53
CA ALA A 222 -30.23 -2.16 -9.90
C ALA A 222 -31.30 -1.60 -9.00
N GLU A 223 -32.43 -2.26 -8.99
CA GLU A 223 -33.56 -1.95 -8.05
C GLU A 223 -33.34 -2.53 -6.65
N VAL A 224 -32.66 -3.67 -6.63
CA VAL A 224 -32.46 -4.40 -5.36
C VAL A 224 -30.98 -4.77 -5.39
N VAL A 225 -30.29 -4.63 -4.25
CA VAL A 225 -28.89 -5.02 -4.15
C VAL A 225 -28.78 -6.05 -3.02
N LEU A 226 -28.12 -7.15 -3.32
CA LEU A 226 -27.81 -8.18 -2.32
C LEU A 226 -26.34 -8.06 -2.01
N VAL A 227 -25.97 -7.89 -0.74
CA VAL A 227 -24.58 -7.82 -0.29
C VAL A 227 -24.29 -9.09 0.46
N VAL A 228 -23.37 -9.93 -0.05
CA VAL A 228 -22.96 -11.12 0.65
C VAL A 228 -21.94 -10.72 1.74
N GLY A 229 -22.32 -10.95 3.00
CA GLY A 229 -21.43 -10.73 4.13
C GLY A 229 -22.17 -11.07 5.40
N SER A 230 -21.43 -11.25 6.45
CA SER A 230 -21.99 -11.57 7.77
C SER A 230 -22.44 -10.31 8.48
N LYS A 231 -23.34 -10.52 9.46
CA LYS A 231 -23.95 -9.37 10.20
C LYS A 231 -22.94 -8.55 10.96
N ASN A 232 -21.85 -9.14 11.41
CA ASN A 232 -20.81 -8.45 12.15
C ASN A 232 -19.67 -7.91 11.29
N SER A 233 -19.88 -7.92 9.99
CA SER A 233 -18.87 -7.30 9.09
C SER A 233 -19.15 -5.82 8.86
N SER A 234 -18.35 -4.98 9.44
CA SER A 234 -18.55 -3.52 9.27
C SER A 234 -18.55 -3.12 7.79
N ASN A 235 -17.50 -3.54 7.10
CA ASN A 235 -17.39 -3.07 5.69
C ASN A 235 -18.62 -3.56 4.91
N SER A 236 -19.09 -4.81 5.16
CA SER A 236 -20.25 -5.30 4.39
C SER A 236 -21.51 -4.49 4.69
N ASN A 237 -21.72 -4.17 5.98
CA ASN A 237 -22.90 -3.34 6.35
C ASN A 237 -22.82 -1.97 5.68
N ARG A 238 -21.60 -1.38 5.49
CA ARG A 238 -21.48 -0.11 4.74
C ARG A 238 -22.01 -0.21 3.31
N LEU A 239 -21.83 -1.37 2.70
CA LEU A 239 -22.28 -1.52 1.25
C LEU A 239 -23.76 -1.57 1.21
N ALA A 240 -24.38 -2.28 2.16
CA ALA A 240 -25.86 -2.34 2.15
C ALA A 240 -26.45 -1.01 2.50
N GLU A 241 -25.85 -0.29 3.44
CA GLU A 241 -26.31 1.02 3.84
C GLU A 241 -26.20 2.01 2.66
N LEU A 242 -25.11 1.97 1.87
CA LEU A 242 -24.94 2.90 0.78
C LEU A 242 -26.11 2.69 -0.19
N ALA A 243 -26.42 1.45 -0.52
CA ALA A 243 -27.42 1.21 -1.55
C ALA A 243 -28.75 1.64 -1.00
N GLN A 244 -29.05 1.39 0.29
CA GLN A 244 -30.28 1.84 0.90
C GLN A 244 -30.46 3.34 0.83
N ARG A 245 -29.41 4.08 1.08
CA ARG A 245 -29.49 5.52 1.15
C ARG A 245 -29.78 6.04 -0.29
N MET A 246 -29.41 5.28 -1.33
CA MET A 246 -29.72 5.62 -2.74
C MET A 246 -31.14 5.26 -3.10
N GLY A 247 -31.89 4.73 -2.12
CA GLY A 247 -33.35 4.44 -2.32
C GLY A 247 -33.58 3.06 -2.87
N LYS A 248 -32.60 2.17 -2.83
CA LYS A 248 -32.79 0.81 -3.35
C LYS A 248 -33.03 -0.07 -2.16
N ARG A 249 -33.76 -1.16 -2.37
CA ARG A 249 -33.87 -2.17 -1.29
C ARG A 249 -32.56 -2.91 -1.32
N ALA A 250 -31.96 -3.12 -0.14
CA ALA A 250 -30.67 -3.81 -0.06
C ALA A 250 -30.68 -4.71 1.15
N PHE A 251 -30.16 -5.90 0.98
CA PHE A 251 -30.15 -6.95 2.02
C PHE A 251 -28.76 -7.44 2.18
N LEU A 252 -28.34 -7.53 3.43
CA LEU A 252 -27.06 -8.17 3.80
C LEU A 252 -27.41 -9.63 4.04
N ILE A 253 -26.77 -10.58 3.36
CA ILE A 253 -27.08 -12.00 3.44
C ILE A 253 -25.82 -12.82 3.59
N ASP A 254 -25.88 -13.90 4.36
CA ASP A 254 -24.77 -14.81 4.50
C ASP A 254 -24.60 -15.68 3.29
N ASP A 255 -25.70 -16.11 2.72
CA ASP A 255 -25.70 -17.08 1.63
C ASP A 255 -27.06 -17.10 0.95
N ALA A 256 -27.12 -17.88 -0.12
CA ALA A 256 -28.30 -17.92 -1.02
C ALA A 256 -29.56 -18.36 -0.33
N LYS A 257 -29.43 -19.18 0.71
CA LYS A 257 -30.62 -19.59 1.47
C LYS A 257 -31.38 -18.45 2.19
N ASP A 258 -30.67 -17.34 2.48
CA ASP A 258 -31.25 -16.17 3.07
C ASP A 258 -32.21 -15.39 2.14
N ILE A 259 -32.15 -15.59 0.81
CA ILE A 259 -32.89 -14.77 -0.15
C ILE A 259 -34.37 -15.14 -0.04
N GLN A 260 -35.19 -14.15 0.30
CA GLN A 260 -36.64 -14.32 0.32
C GLN A 260 -37.15 -13.95 -1.06
N GLU A 261 -38.01 -14.79 -1.63
CA GLU A 261 -38.49 -14.55 -3.02
C GLU A 261 -39.22 -13.19 -3.27
N GLU A 262 -39.93 -12.67 -2.26
CA GLU A 262 -40.57 -11.37 -2.34
C GLU A 262 -39.58 -10.25 -2.66
N TRP A 263 -38.30 -10.40 -2.26
CA TRP A 263 -37.36 -9.33 -2.41
C TRP A 263 -37.12 -9.09 -3.89
N VAL A 264 -37.26 -10.14 -4.71
CA VAL A 264 -36.91 -10.05 -6.15
C VAL A 264 -38.09 -10.34 -7.11
N LYS A 265 -39.25 -10.67 -6.58
CA LYS A 265 -40.41 -10.89 -7.45
C LYS A 265 -40.69 -9.66 -8.32
N GLU A 266 -40.67 -9.85 -9.64
CA GLU A 266 -41.13 -8.77 -10.55
C GLU A 266 -40.09 -7.64 -10.60
N VAL A 267 -38.91 -7.89 -10.07
CA VAL A 267 -37.82 -6.94 -10.17
C VAL A 267 -37.06 -7.17 -11.50
N LYS A 268 -36.78 -6.10 -12.23
CA LYS A 268 -36.11 -6.21 -13.54
C LYS A 268 -34.58 -6.27 -13.50
N CYS A 269 -33.95 -5.66 -12.48
CA CYS A 269 -32.50 -5.66 -12.36
C CYS A 269 -32.12 -5.81 -10.88
N VAL A 270 -31.42 -6.89 -10.61
CA VAL A 270 -30.89 -7.18 -9.27
C VAL A 270 -29.36 -7.13 -9.33
N GLY A 271 -28.79 -6.47 -8.32
CA GLY A 271 -27.34 -6.33 -8.23
C GLY A 271 -26.83 -7.21 -7.09
N VAL A 272 -25.65 -7.79 -7.27
CA VAL A 272 -25.00 -8.57 -6.20
C VAL A 272 -23.60 -8.04 -5.94
N THR A 273 -23.20 -7.82 -4.72
CA THR A 273 -21.78 -7.56 -4.38
C THR A 273 -21.50 -8.41 -3.15
N ALA A 274 -20.29 -8.23 -2.64
CA ALA A 274 -19.77 -9.00 -1.53
C ALA A 274 -18.83 -8.15 -0.76
N GLY A 275 -18.88 -8.24 0.57
CA GLY A 275 -17.90 -7.52 1.43
C GLY A 275 -16.51 -8.13 1.27
N ALA A 276 -15.56 -7.51 1.98
CA ALA A 276 -14.12 -7.85 1.80
C ALA A 276 -13.75 -9.19 2.43
N SER A 277 -14.61 -9.69 3.28
CA SER A 277 -14.45 -11.01 3.96
C SER A 277 -15.29 -12.12 3.38
N ALA A 278 -16.01 -11.93 2.27
CA ALA A 278 -16.91 -13.00 1.80
C ALA A 278 -16.31 -13.74 0.66
N PRO A 279 -16.16 -15.10 0.70
CA PRO A 279 -15.57 -15.85 -0.42
C PRO A 279 -16.50 -15.89 -1.63
N ASP A 280 -15.81 -16.00 -2.75
CA ASP A 280 -16.48 -16.00 -4.05
C ASP A 280 -17.54 -17.08 -4.28
N ILE A 281 -17.28 -18.25 -3.71
CA ILE A 281 -18.29 -19.34 -3.83
C ILE A 281 -19.64 -18.89 -3.34
N LEU A 282 -19.70 -18.00 -2.32
CA LEU A 282 -21.00 -17.61 -1.78
C LEU A 282 -21.70 -16.75 -2.83
N VAL A 283 -20.98 -15.90 -3.56
CA VAL A 283 -21.58 -15.10 -4.64
C VAL A 283 -22.04 -16.03 -5.74
N GLN A 284 -21.25 -17.02 -6.10
CA GLN A 284 -21.65 -17.94 -7.21
C GLN A 284 -22.96 -18.67 -6.78
N ASN A 285 -23.20 -19.03 -5.52
CA ASN A 285 -24.42 -19.65 -5.09
C ASN A 285 -25.58 -18.69 -5.05
N VAL A 286 -25.36 -17.42 -4.70
CA VAL A 286 -26.36 -16.41 -4.77
C VAL A 286 -26.85 -16.24 -6.22
N VAL A 287 -25.91 -16.12 -7.17
CA VAL A 287 -26.26 -15.98 -8.58
C VAL A 287 -27.10 -17.20 -8.99
N ALA A 288 -26.69 -18.39 -8.61
CA ALA A 288 -27.48 -19.61 -9.04
C ALA A 288 -28.88 -19.54 -8.49
N ARG A 289 -29.10 -18.97 -7.31
CA ARG A 289 -30.45 -18.93 -6.72
C ARG A 289 -31.26 -17.86 -7.44
N LEU A 290 -30.67 -16.72 -7.70
CA LEU A 290 -31.35 -15.66 -8.48
C LEU A 290 -31.74 -16.20 -9.89
N GLN A 291 -30.91 -17.02 -10.50
CA GLN A 291 -31.25 -17.67 -11.80
C GLN A 291 -32.48 -18.59 -11.63
N GLN A 292 -32.58 -19.38 -10.56
CA GLN A 292 -33.81 -20.12 -10.22
C GLN A 292 -35.04 -19.23 -10.13
N LEU A 293 -34.84 -18.07 -9.52
CA LEU A 293 -35.87 -17.06 -9.42
C LEU A 293 -36.07 -16.23 -10.70
N GLY A 294 -35.45 -16.62 -11.83
CA GLY A 294 -35.74 -16.01 -13.17
C GLY A 294 -34.69 -15.17 -13.77
N GLY A 295 -33.56 -15.04 -13.07
CA GLY A 295 -32.53 -14.17 -13.59
C GLY A 295 -31.81 -14.85 -14.73
N GLY A 296 -31.17 -14.04 -15.56
CA GLY A 296 -30.33 -14.55 -16.69
C GLY A 296 -28.85 -14.70 -16.35
N GLU A 297 -27.95 -14.68 -17.34
CA GLU A 297 -26.50 -14.79 -17.05
C GLU A 297 -26.09 -13.54 -16.28
N ALA A 298 -25.23 -13.75 -15.29
CA ALA A 298 -24.72 -12.63 -14.51
C ALA A 298 -23.77 -11.82 -15.35
N ILE A 299 -23.96 -10.52 -15.28
CA ILE A 299 -23.22 -9.52 -16.04
C ILE A 299 -22.28 -8.78 -15.08
N PRO A 300 -20.97 -8.93 -15.24
CA PRO A 300 -20.11 -8.13 -14.40
C PRO A 300 -20.00 -6.67 -14.85
N LEU A 301 -20.09 -5.73 -13.95
CA LEU A 301 -19.84 -4.38 -14.24
C LEU A 301 -18.33 -4.13 -14.42
N GLU A 302 -18.00 -3.10 -15.20
CA GLU A 302 -16.61 -2.72 -15.38
C GLU A 302 -16.15 -2.07 -14.08
N GLY A 303 -14.94 -2.34 -13.62
CA GLY A 303 -14.55 -1.80 -12.35
C GLY A 303 -13.11 -1.43 -12.28
N ARG A 304 -12.76 -0.64 -11.25
CA ARG A 304 -11.34 -0.37 -10.91
C ARG A 304 -10.52 -1.67 -10.70
N GLU A 305 -9.44 -1.87 -11.43
CA GLU A 305 -8.47 -2.95 -11.17
C GLU A 305 -7.91 -2.88 -9.74
N GLU A 306 -7.90 -4.02 -9.02
CA GLU A 306 -7.06 -4.09 -7.81
C GLU A 306 -5.83 -4.95 -8.06
N ASN A 307 -4.65 -4.55 -7.59
CA ASN A 307 -3.48 -5.33 -7.85
C ASN A 307 -2.59 -5.59 -6.60
N ILE A 308 -3.03 -5.14 -5.44
CA ILE A 308 -2.27 -5.39 -4.23
C ILE A 308 -2.46 -6.76 -3.64
N VAL A 309 -1.32 -7.35 -3.21
CA VAL A 309 -1.24 -8.67 -2.49
C VAL A 309 -0.36 -8.48 -1.29
N PHE A 310 -0.79 -9.08 -0.15
CA PHE A 310 0.12 -9.13 0.99
C PHE A 310 0.52 -10.55 1.24
N GLU A 311 1.84 -10.83 1.35
CA GLU A 311 2.29 -12.23 1.50
C GLU A 311 2.22 -12.65 2.95
N VAL A 312 2.10 -13.96 3.14
CA VAL A 312 2.17 -14.53 4.50
C VAL A 312 3.59 -14.41 5.08
N PRO A 313 3.75 -14.34 6.40
CA PRO A 313 5.13 -14.40 6.94
C PRO A 313 5.86 -15.67 6.51
N LYS A 314 7.17 -15.52 6.31
CA LYS A 314 7.94 -16.61 5.79
C LYS A 314 7.88 -17.81 6.75
N GLU A 315 7.66 -17.56 8.05
CA GLU A 315 7.56 -18.66 9.06
C GLU A 315 6.34 -19.57 8.82
N LEU A 316 5.44 -19.16 7.91
CA LEU A 316 4.20 -19.91 7.68
C LEU A 316 4.10 -20.30 6.22
N ARG A 317 5.20 -20.24 5.51
CA ARG A 317 5.18 -20.70 4.13
C ARG A 317 5.03 -22.23 4.12
N MET B 9 38.05 -12.55 4.53
CA MET B 9 37.10 -11.43 4.38
C MET B 9 35.64 -11.83 4.60
N GLN B 10 34.97 -11.19 5.58
CA GLN B 10 33.56 -11.46 5.80
C GLN B 10 32.71 -10.66 4.79
N ILE B 11 31.83 -11.39 4.12
CA ILE B 11 30.86 -10.79 3.24
C ILE B 11 29.48 -10.75 3.93
N LEU B 12 28.92 -9.52 4.02
CA LEU B 12 27.65 -9.30 4.68
C LEU B 12 26.64 -8.83 3.63
N LEU B 13 25.41 -9.35 3.57
CA LEU B 13 24.38 -8.81 2.66
C LEU B 13 23.31 -8.04 3.43
N ALA B 14 23.01 -6.85 2.96
CA ALA B 14 21.87 -6.07 3.53
C ALA B 14 20.48 -6.70 3.30
N ASN B 15 19.58 -6.53 4.26
CA ASN B 15 18.21 -6.96 4.04
C ASN B 15 17.28 -5.96 4.65
N PRO B 16 16.27 -5.49 3.92
CA PRO B 16 16.05 -5.78 2.48
C PRO B 16 17.06 -5.14 1.52
N ARG B 17 17.14 -5.72 0.35
CA ARG B 17 17.97 -5.20 -0.74
C ARG B 17 17.22 -5.59 -2.00
N GLY B 18 17.59 -4.94 -3.10
CA GLY B 18 17.12 -5.41 -4.38
C GLY B 18 15.66 -5.12 -4.70
N PHE B 19 15.07 -5.90 -5.58
CA PHE B 19 13.80 -5.54 -6.21
C PHE B 19 12.75 -5.23 -5.13
N CYS B 20 12.04 -4.12 -5.42
CA CYS B 20 10.80 -3.75 -4.72
C CYS B 20 9.61 -4.22 -5.54
N ALA B 21 8.44 -4.00 -4.95
CA ALA B 21 7.19 -4.47 -5.59
C ALA B 21 6.90 -3.81 -6.92
N GLY B 22 7.18 -2.50 -6.99
CA GLY B 22 6.96 -1.79 -8.24
C GLY B 22 7.80 -2.26 -9.41
N VAL B 23 9.09 -2.42 -9.11
CA VAL B 23 10.00 -2.88 -10.16
C VAL B 23 9.73 -4.30 -10.64
N ASP B 24 9.44 -5.20 -9.67
CA ASP B 24 9.12 -6.55 -10.06
C ASP B 24 7.87 -6.52 -11.00
N ARG B 25 6.80 -5.74 -10.69
CA ARG B 25 5.64 -5.67 -11.58
C ARG B 25 6.10 -5.10 -12.94
N ALA B 26 6.84 -3.98 -12.96
CA ALA B 26 7.17 -3.28 -14.20
C ALA B 26 7.93 -4.18 -15.15
N ILE B 27 8.92 -4.89 -14.59
CA ILE B 27 9.70 -5.78 -15.46
C ILE B 27 8.84 -6.91 -15.98
N SER B 28 7.98 -7.49 -15.12
CA SER B 28 7.06 -8.54 -15.59
C SER B 28 6.13 -8.02 -16.68
N ILE B 29 5.71 -6.77 -16.55
CA ILE B 29 4.85 -6.20 -17.63
C ILE B 29 5.55 -6.26 -18.97
N VAL B 30 6.84 -5.92 -19.00
CA VAL B 30 7.54 -5.90 -20.34
C VAL B 30 7.80 -7.33 -20.77
N GLU B 31 8.22 -8.18 -19.81
CA GLU B 31 8.52 -9.57 -20.14
C GLU B 31 7.32 -10.26 -20.65
N ASN B 32 6.17 -10.11 -19.98
CA ASN B 32 4.95 -10.82 -20.34
C ASN B 32 4.36 -10.28 -21.60
N ALA B 33 4.49 -8.97 -21.86
CA ALA B 33 4.05 -8.42 -23.15
C ALA B 33 4.87 -9.07 -24.24
N LEU B 34 6.19 -9.17 -24.10
CA LEU B 34 7.03 -9.84 -25.14
C LEU B 34 6.60 -11.32 -25.30
N ALA B 35 6.36 -12.05 -24.21
CA ALA B 35 5.97 -13.47 -24.26
C ALA B 35 4.64 -13.65 -24.97
N ILE B 36 3.68 -12.75 -24.75
CA ILE B 36 2.30 -12.92 -25.15
C ILE B 36 2.15 -12.42 -26.59
N TYR B 37 2.68 -11.24 -26.87
CA TYR B 37 2.50 -10.64 -28.20
C TYR B 37 3.67 -10.73 -29.17
N GLY B 38 4.85 -11.11 -28.68
CA GLY B 38 6.05 -11.09 -29.48
C GLY B 38 6.72 -9.73 -29.62
N ALA B 39 7.92 -9.72 -30.17
CA ALA B 39 8.69 -8.52 -30.37
C ALA B 39 8.22 -7.90 -31.67
N PRO B 40 8.29 -6.58 -31.78
CA PRO B 40 8.75 -5.60 -30.76
C PRO B 40 7.67 -5.14 -29.80
N ILE B 41 8.07 -4.80 -28.57
CA ILE B 41 7.23 -4.10 -27.61
C ILE B 41 7.92 -2.79 -27.35
N TYR B 42 7.24 -1.65 -27.47
CA TYR B 42 7.96 -0.36 -27.37
C TYR B 42 7.80 0.11 -25.92
N VAL B 43 8.88 0.70 -25.38
CA VAL B 43 8.88 1.10 -23.95
C VAL B 43 9.36 2.53 -23.93
N ARG B 44 8.59 3.38 -23.31
CA ARG B 44 8.97 4.81 -23.28
C ARG B 44 9.98 5.06 -22.16
N HIS B 45 11.21 5.26 -22.57
CA HIS B 45 12.38 5.34 -21.69
C HIS B 45 12.67 4.02 -20.91
N GLU B 46 13.78 4.03 -20.19
CA GLU B 46 14.12 2.83 -19.38
C GLU B 46 13.00 2.44 -18.43
N VAL B 47 12.58 1.17 -18.52
CA VAL B 47 11.47 0.73 -17.68
C VAL B 47 11.78 0.89 -16.20
N VAL B 48 13.02 0.52 -15.85
CA VAL B 48 13.62 0.79 -14.55
C VAL B 48 15.04 1.25 -14.86
N HIS B 49 15.72 1.95 -13.95
CA HIS B 49 17.05 2.54 -14.20
C HIS B 49 18.09 1.51 -13.81
N ASN B 50 18.13 0.42 -14.57
CA ASN B 50 19.20 -0.59 -14.37
C ASN B 50 19.64 -1.07 -15.76
N ARG B 51 20.97 -0.88 -16.03
CA ARG B 51 21.55 -1.25 -17.27
C ARG B 51 21.37 -2.69 -17.63
N TYR B 52 21.58 -3.60 -16.68
CA TYR B 52 21.46 -5.02 -16.97
C TYR B 52 20.03 -5.34 -17.41
N VAL B 53 19.02 -4.83 -16.67
CA VAL B 53 17.63 -5.09 -17.02
C VAL B 53 17.27 -4.56 -18.39
N VAL B 54 17.63 -3.31 -18.58
CA VAL B 54 17.37 -2.69 -19.91
C VAL B 54 18.04 -3.44 -21.11
N ASP B 55 19.28 -3.84 -20.86
CA ASP B 55 20.03 -4.52 -21.98
C ASP B 55 19.40 -5.88 -22.22
N SER B 56 18.94 -6.53 -21.17
CA SER B 56 18.35 -7.89 -21.32
C SER B 56 16.98 -7.83 -22.06
N LEU B 57 16.19 -6.80 -21.76
CA LEU B 57 14.94 -6.62 -22.42
C LEU B 57 15.18 -6.22 -23.89
N ARG B 58 16.13 -5.34 -24.16
CA ARG B 58 16.44 -5.01 -25.55
C ARG B 58 16.81 -6.27 -26.33
N GLU B 59 17.58 -7.15 -25.69
CA GLU B 59 18.08 -8.34 -26.41
C GLU B 59 16.97 -9.31 -26.71
N ARG B 60 15.87 -9.25 -25.92
CA ARG B 60 14.65 -9.98 -26.26
C ARG B 60 13.63 -9.29 -27.12
N GLY B 61 14.00 -8.11 -27.60
CA GLY B 61 13.15 -7.38 -28.52
C GLY B 61 12.38 -6.18 -28.11
N ALA B 62 12.50 -5.78 -26.86
CA ALA B 62 12.00 -4.45 -26.44
C ALA B 62 12.77 -3.35 -27.15
N ILE B 63 12.03 -2.34 -27.55
CA ILE B 63 12.65 -1.21 -28.28
C ILE B 63 12.38 -0.01 -27.33
N PHE B 64 13.45 0.58 -26.81
CA PHE B 64 13.36 1.72 -25.97
C PHE B 64 13.38 3.05 -26.69
N ILE B 65 12.33 3.87 -26.55
CA ILE B 65 12.23 5.10 -27.33
C ILE B 65 12.09 6.29 -26.45
N GLU B 66 12.29 7.46 -27.03
CA GLU B 66 12.27 8.66 -26.21
C GLU B 66 10.93 9.43 -26.26
N GLN B 67 10.26 9.41 -27.42
CA GLN B 67 8.96 10.06 -27.59
C GLN B 67 8.01 9.13 -28.27
N ILE B 68 6.75 9.25 -27.86
CA ILE B 68 5.63 8.46 -28.39
C ILE B 68 5.48 8.57 -29.91
N SER B 69 5.88 9.70 -30.45
CA SER B 69 5.83 9.90 -31.91
C SER B 69 6.76 8.96 -32.68
N GLU B 70 7.78 8.36 -32.03
CA GLU B 70 8.60 7.34 -32.66
C GLU B 70 7.88 6.01 -32.86
N VAL B 71 6.77 5.77 -32.16
CA VAL B 71 6.15 4.43 -32.10
C VAL B 71 5.14 4.33 -33.23
N PRO B 72 5.19 3.27 -34.00
CA PRO B 72 4.23 3.15 -35.15
C PRO B 72 2.80 2.79 -34.66
N ASP B 73 1.77 3.24 -35.40
CA ASP B 73 0.38 2.78 -35.21
C ASP B 73 0.30 1.27 -35.14
N GLY B 74 -0.54 0.77 -34.22
CA GLY B 74 -0.78 -0.66 -34.11
C GLY B 74 0.12 -1.30 -33.09
N ALA B 75 1.08 -0.53 -32.56
CA ALA B 75 2.08 -1.07 -31.61
C ALA B 75 1.55 -1.26 -30.18
N ILE B 76 2.32 -1.98 -29.37
CA ILE B 76 2.13 -2.01 -27.92
C ILE B 76 3.18 -1.08 -27.31
N LEU B 77 2.71 -0.20 -26.40
CA LEU B 77 3.63 0.81 -25.76
C LEU B 77 3.47 0.64 -24.26
N ILE B 78 4.62 0.61 -23.57
CA ILE B 78 4.68 0.53 -22.08
C ILE B 78 5.27 1.81 -21.50
N PHE B 79 4.56 2.41 -20.54
CA PHE B 79 5.12 3.54 -19.78
C PHE B 79 6.07 3.00 -18.67
N SER B 80 7.18 3.68 -18.38
CA SER B 80 8.11 3.16 -17.33
C SER B 80 7.54 3.26 -15.92
N ALA B 81 8.22 2.59 -15.00
CA ALA B 81 7.70 2.49 -13.65
C ALA B 81 7.70 3.89 -12.95
N HIS B 82 8.51 4.80 -13.43
CA HIS B 82 8.62 6.12 -12.83
C HIS B 82 7.46 7.04 -13.06
N GLY B 83 6.64 6.67 -14.03
CA GLY B 83 5.42 7.44 -14.35
C GLY B 83 5.62 8.46 -15.42
N VAL B 84 4.49 9.03 -15.85
CA VAL B 84 4.49 10.00 -16.99
C VAL B 84 3.46 11.11 -16.73
N SER B 85 3.71 12.21 -17.38
CA SER B 85 2.84 13.37 -17.23
C SER B 85 1.45 13.09 -17.82
N GLN B 86 0.51 13.97 -17.49
CA GLN B 86 -0.77 13.86 -18.15
C GLN B 86 -0.69 14.12 -19.66
N ALA B 87 0.16 15.03 -20.11
CA ALA B 87 0.34 15.27 -21.54
C ALA B 87 0.78 13.98 -22.26
N VAL B 88 1.76 13.27 -21.73
CA VAL B 88 2.17 11.97 -22.29
C VAL B 88 1.01 10.99 -22.33
N ARG B 89 0.33 10.87 -21.20
CA ARG B 89 -0.75 9.90 -21.13
C ARG B 89 -1.84 10.24 -22.17
N ASN B 90 -2.22 11.51 -22.29
CA ASN B 90 -3.28 11.84 -23.25
C ASN B 90 -2.88 11.68 -24.70
N GLU B 91 -1.62 11.93 -25.02
CA GLU B 91 -1.14 11.75 -26.33
C GLU B 91 -1.18 10.26 -26.69
N ALA B 92 -0.69 9.38 -25.81
CA ALA B 92 -0.83 7.95 -26.12
C ALA B 92 -2.31 7.52 -26.27
N LYS B 93 -3.21 8.07 -25.45
CA LYS B 93 -4.64 7.63 -25.45
C LYS B 93 -5.21 7.93 -26.79
N SER B 94 -4.79 9.05 -27.38
CA SER B 94 -5.37 9.52 -28.59
C SER B 94 -4.78 8.79 -29.83
N ARG B 95 -3.63 8.12 -29.70
CA ARG B 95 -3.03 7.33 -30.76
C ARG B 95 -3.62 5.93 -30.89
N ASP B 96 -3.54 5.39 -32.11
CA ASP B 96 -3.85 3.96 -32.35
C ASP B 96 -2.67 3.09 -31.80
N LEU B 97 -2.65 2.96 -30.46
CA LEU B 97 -1.64 2.16 -29.67
C LEU B 97 -2.34 1.38 -28.58
N THR B 98 -1.80 0.22 -28.22
CA THR B 98 -2.26 -0.52 -27.03
C THR B 98 -1.24 -0.09 -25.95
N VAL B 99 -1.72 0.54 -24.87
CA VAL B 99 -0.82 1.05 -23.81
C VAL B 99 -0.98 0.24 -22.55
N PHE B 100 0.19 -0.16 -22.02
CA PHE B 100 0.25 -0.73 -20.66
C PHE B 100 1.06 0.22 -19.76
N ASP B 101 0.51 0.46 -18.56
CA ASP B 101 1.06 1.48 -17.71
C ASP B 101 1.84 0.73 -16.63
N ALA B 102 3.16 0.73 -16.69
CA ALA B 102 3.93 0.08 -15.60
C ALA B 102 4.27 1.02 -14.46
N THR B 103 3.75 2.24 -14.44
CA THR B 103 3.98 3.17 -13.27
C THR B 103 3.66 2.45 -11.98
N CYS B 104 4.61 2.53 -11.03
CA CYS B 104 4.35 1.94 -9.72
C CYS B 104 3.10 2.56 -9.04
N PRO B 105 2.24 1.74 -8.35
CA PRO B 105 1.06 2.30 -7.74
C PRO B 105 1.42 3.37 -6.63
N LEU B 106 2.62 3.28 -6.07
CA LEU B 106 3.03 4.25 -5.01
C LEU B 106 3.50 5.57 -5.62
N VAL B 107 3.81 5.61 -6.93
CA VAL B 107 3.96 6.87 -7.69
C VAL B 107 2.56 7.38 -8.09
N THR B 108 1.70 6.49 -8.58
CA THR B 108 0.33 6.95 -8.99
C THR B 108 -0.36 7.64 -7.85
N LYS B 109 -0.17 7.13 -6.63
CA LYS B 109 -0.79 7.75 -5.45
C LYS B 109 -0.41 9.23 -5.31
N VAL B 110 0.87 9.55 -5.59
CA VAL B 110 1.32 10.96 -5.49
C VAL B 110 0.71 11.78 -6.63
N HIS B 111 0.67 11.17 -7.83
CA HIS B 111 0.06 11.84 -9.00
C HIS B 111 -1.38 12.27 -8.73
N MET B 112 -2.13 11.41 -8.06
CA MET B 112 -3.54 11.71 -7.84
C MET B 112 -3.69 12.94 -6.92
N GLU B 113 -2.75 13.10 -5.96
CA GLU B 113 -2.88 14.24 -5.06
C GLU B 113 -2.51 15.54 -5.74
N VAL B 114 -1.56 15.48 -6.68
CA VAL B 114 -1.15 16.66 -7.45
C VAL B 114 -2.32 17.04 -8.37
N ALA B 115 -2.94 16.07 -9.06
CA ALA B 115 -4.09 16.38 -9.95
C ALA B 115 -5.21 17.01 -9.11
N ARG B 116 -5.46 16.52 -7.88
CA ARG B 116 -6.48 17.11 -7.01
C ARG B 116 -6.18 18.56 -6.74
N ALA B 117 -4.97 18.91 -6.36
CA ALA B 117 -4.63 20.25 -6.02
C ALA B 117 -4.77 21.15 -7.25
N SER B 118 -4.47 20.66 -8.44
CA SER B 118 -4.60 21.38 -9.70
C SER B 118 -6.10 21.63 -10.00
N ARG B 119 -6.99 20.64 -9.81
CA ARG B 119 -8.45 20.89 -9.98
C ARG B 119 -8.94 21.95 -9.00
N ARG B 120 -8.42 21.96 -7.77
CA ARG B 120 -8.77 22.94 -6.75
C ARG B 120 -8.19 24.34 -7.01
N GLY B 121 -7.27 24.48 -7.97
CA GLY B 121 -6.48 25.71 -8.23
C GLY B 121 -5.54 26.15 -7.11
N GLU B 122 -5.13 25.21 -6.26
CA GLU B 122 -4.35 25.46 -5.03
C GLU B 122 -2.92 24.97 -5.25
N GLU B 123 -1.93 25.68 -4.71
CA GLU B 123 -0.51 25.53 -5.05
C GLU B 123 0.08 24.31 -4.36
N SER B 124 1.02 23.71 -5.07
CA SER B 124 1.70 22.52 -4.58
C SER B 124 3.18 22.65 -4.74
N ILE B 125 3.84 22.05 -3.78
CA ILE B 125 5.31 22.01 -3.78
C ILE B 125 5.73 20.52 -3.77
N LEU B 126 6.55 20.17 -4.71
CA LEU B 126 7.17 18.83 -4.78
C LEU B 126 8.64 18.90 -4.28
N ILE B 127 9.01 17.99 -3.35
CA ILE B 127 10.41 17.82 -2.98
C ILE B 127 10.96 16.69 -3.84
N GLY B 128 11.96 17.04 -4.65
CA GLY B 128 12.59 16.04 -5.55
C GLY B 128 13.71 16.65 -6.35
N HIS B 129 14.31 15.85 -7.20
CA HIS B 129 15.54 16.22 -7.91
C HIS B 129 15.17 16.60 -9.33
N ALA B 130 15.56 17.81 -9.75
CA ALA B 130 15.25 18.30 -11.09
C ALA B 130 15.73 17.36 -12.18
N GLY B 131 14.89 17.11 -13.17
CA GLY B 131 15.30 16.38 -14.34
C GLY B 131 15.06 14.89 -14.21
N HIS B 132 14.76 14.41 -12.97
CA HIS B 132 14.51 12.95 -12.86
C HIS B 132 13.10 12.62 -13.51
N PRO B 133 12.99 11.48 -14.17
CA PRO B 133 11.68 11.18 -14.84
C PRO B 133 10.55 11.13 -13.88
N GLU B 134 10.67 10.68 -12.61
CA GLU B 134 9.54 10.71 -11.72
C GLU B 134 9.10 12.12 -11.41
N VAL B 135 10.04 13.03 -11.27
CA VAL B 135 9.71 14.42 -11.00
C VAL B 135 9.04 15.04 -12.25
N GLU B 136 9.52 14.74 -13.49
CA GLU B 136 8.83 15.21 -14.71
C GLU B 136 7.37 14.74 -14.74
N GLY B 137 7.14 13.46 -14.40
CA GLY B 137 5.76 12.91 -14.48
C GLY B 137 4.87 13.51 -13.39
N THR B 138 5.37 13.73 -12.16
CA THR B 138 4.52 14.21 -11.04
C THR B 138 4.24 15.69 -11.21
N MET B 139 5.23 16.47 -11.62
CA MET B 139 4.98 17.90 -11.93
C MET B 139 3.99 17.99 -13.07
N GLY B 140 4.09 17.05 -14.02
CA GLY B 140 3.20 16.99 -15.19
C GLY B 140 1.77 16.56 -14.92
N GLN B 141 1.44 16.36 -13.60
CA GLN B 141 0.06 16.16 -13.25
C GLN B 141 -0.64 17.53 -12.97
N TYR B 142 0.11 18.61 -12.88
CA TYR B 142 -0.48 19.89 -12.44
C TYR B 142 -0.63 20.72 -13.65
N SER B 143 -1.84 21.26 -13.87
CA SER B 143 -2.09 22.09 -15.07
C SER B 143 -2.93 23.35 -14.90
N ASN B 144 -3.27 23.71 -13.66
CA ASN B 144 -4.08 24.91 -13.43
C ASN B 144 -3.26 26.19 -13.32
N PRO B 145 -3.44 27.14 -14.30
CA PRO B 145 -2.66 28.38 -14.21
C PRO B 145 -3.08 29.30 -13.06
N GLU B 146 -4.26 29.08 -12.48
CA GLU B 146 -4.70 29.84 -11.29
C GLU B 146 -3.95 29.45 -10.02
N GLY B 147 -3.39 28.22 -10.01
CA GLY B 147 -2.55 27.71 -8.87
C GLY B 147 -1.08 27.77 -9.24
N GLY B 148 -0.35 26.70 -8.98
CA GLY B 148 1.10 26.74 -9.17
C GLY B 148 1.70 25.42 -8.67
N MET B 149 2.76 25.01 -9.35
CA MET B 149 3.48 23.77 -8.98
C MET B 149 4.95 24.07 -8.92
N TYR B 150 5.59 23.89 -7.76
CA TYR B 150 6.96 24.31 -7.55
C TYR B 150 7.84 23.16 -7.07
N LEU B 151 9.09 23.11 -7.44
CA LEU B 151 10.01 22.03 -7.12
C LEU B 151 11.06 22.58 -6.17
N VAL B 152 11.25 21.94 -5.01
CA VAL B 152 12.40 22.28 -4.11
C VAL B 152 13.29 21.05 -3.89
N GLU B 153 14.59 21.22 -3.66
CA GLU B 153 15.48 20.13 -3.48
C GLU B 153 16.22 20.23 -2.15
N SER B 154 16.05 21.32 -1.44
CA SER B 154 16.85 21.62 -0.28
C SER B 154 16.12 22.65 0.58
N PRO B 155 16.55 22.78 1.87
CA PRO B 155 16.03 23.86 2.69
C PRO B 155 16.33 25.21 2.04
N ASP B 156 17.54 25.37 1.48
CA ASP B 156 17.80 26.63 0.80
C ASP B 156 16.77 27.01 -0.30
N ASP B 157 16.37 26.01 -1.08
CA ASP B 157 15.34 26.25 -2.08
C ASP B 157 14.03 26.69 -1.42
N VAL B 158 13.70 26.11 -0.27
CA VAL B 158 12.49 26.51 0.47
C VAL B 158 12.58 27.98 0.92
N TRP B 159 13.77 28.36 1.41
CA TRP B 159 13.96 29.69 1.99
C TRP B 159 13.86 30.75 0.84
N LYS B 160 14.16 30.38 -0.39
CA LYS B 160 14.08 31.36 -1.47
C LYS B 160 12.70 31.33 -2.25
N LEU B 161 11.76 30.43 -1.88
CA LEU B 161 10.50 30.25 -2.62
C LEU B 161 9.47 31.31 -2.22
N THR B 162 8.89 31.97 -3.23
CA THR B 162 7.68 32.80 -3.12
C THR B 162 6.47 31.98 -3.65
N VAL B 163 5.34 31.99 -2.92
CA VAL B 163 4.06 31.40 -3.38
C VAL B 163 2.90 32.45 -3.38
N LYS B 164 1.96 32.31 -4.31
CA LYS B 164 0.85 33.30 -4.38
C LYS B 164 -0.10 33.26 -3.18
N ASN B 165 -0.41 32.10 -2.63
CA ASN B 165 -1.35 32.00 -1.50
C ASN B 165 -0.89 30.90 -0.55
N GLU B 166 -0.09 31.30 0.43
CA GLU B 166 0.41 30.30 1.39
C GLU B 166 -0.63 29.72 2.33
N GLU B 167 -1.87 30.24 2.29
CA GLU B 167 -2.91 29.70 3.11
C GLU B 167 -3.47 28.43 2.50
N LYS B 168 -3.18 28.26 1.21
CA LYS B 168 -3.74 27.12 0.42
C LYS B 168 -2.58 26.43 -0.32
N LEU B 169 -1.89 25.58 0.44
CA LEU B 169 -0.62 25.04 -0.01
C LEU B 169 -0.46 23.61 0.51
N SER B 170 0.01 22.75 -0.40
CA SER B 170 0.21 21.33 -0.11
C SER B 170 1.65 20.96 -0.57
N PHE B 171 2.13 19.86 0.01
CA PHE B 171 3.41 19.31 -0.51
C PHE B 171 3.24 17.82 -0.80
N MET B 172 4.21 17.38 -1.61
CA MET B 172 4.34 16.01 -2.09
C MET B 172 5.85 15.74 -2.17
N THR B 173 6.24 14.47 -2.29
CA THR B 173 7.69 14.15 -2.46
C THR B 173 7.86 13.04 -3.54
N GLN B 174 9.08 13.05 -4.08
CA GLN B 174 9.63 11.95 -4.88
C GLN B 174 9.70 10.72 -3.94
N THR B 175 9.57 9.54 -4.50
CA THR B 175 9.46 8.28 -3.73
C THR B 175 10.82 7.72 -3.26
N THR B 176 11.93 8.18 -3.87
CA THR B 176 13.25 7.55 -3.66
C THR B 176 14.27 8.46 -2.98
N LEU B 177 13.85 9.49 -2.28
CA LEU B 177 14.71 10.42 -1.65
C LEU B 177 15.44 9.87 -0.44
N SER B 178 16.47 10.60 -0.02
CA SER B 178 17.03 10.34 1.29
C SER B 178 15.98 10.68 2.37
N VAL B 179 15.71 9.75 3.26
CA VAL B 179 14.80 9.93 4.37
C VAL B 179 15.32 11.11 5.22
N ASP B 180 16.62 11.09 5.52
CA ASP B 180 17.18 12.15 6.40
C ASP B 180 17.09 13.56 5.79
N ASP B 181 17.51 13.71 4.51
CA ASP B 181 17.47 15.03 3.93
C ASP B 181 16.07 15.51 3.71
N THR B 182 15.16 14.61 3.41
CA THR B 182 13.79 15.06 3.14
C THR B 182 13.19 15.55 4.46
N SER B 183 13.49 14.94 5.60
CA SER B 183 13.00 15.46 6.90
C SER B 183 13.46 16.94 7.02
N ASP B 184 14.68 17.25 6.59
CA ASP B 184 15.18 18.63 6.77
C ASP B 184 14.36 19.58 5.88
N VAL B 185 14.07 19.12 4.68
CA VAL B 185 13.25 19.98 3.78
C VAL B 185 11.84 20.24 4.29
N ILE B 186 11.20 19.19 4.84
CA ILE B 186 9.86 19.32 5.42
C ILE B 186 9.88 20.26 6.65
N ASP B 187 10.92 20.14 7.48
CA ASP B 187 11.02 21.06 8.59
C ASP B 187 11.09 22.47 8.12
N ALA B 188 11.84 22.71 7.05
CA ALA B 188 11.90 24.10 6.46
C ALA B 188 10.58 24.53 5.88
N LEU B 189 9.86 23.66 5.15
CA LEU B 189 8.55 24.02 4.66
C LEU B 189 7.61 24.39 5.74
N ARG B 190 7.58 23.65 6.86
CA ARG B 190 6.58 23.96 7.90
C ARG B 190 6.96 25.24 8.65
N LYS B 191 8.25 25.53 8.79
CA LYS B 191 8.64 26.84 9.44
C LYS B 191 8.27 28.02 8.51
N ARG B 192 8.46 27.88 7.22
CA ARG B 192 8.18 28.93 6.27
C ARG B 192 6.70 29.10 5.92
N PHE B 193 6.02 27.95 5.86
CA PHE B 193 4.60 27.93 5.52
C PHE B 193 3.79 27.17 6.55
N PRO B 194 3.46 27.80 7.64
CA PRO B 194 2.86 27.02 8.75
C PRO B 194 1.54 26.35 8.41
N LYS B 195 0.75 26.84 7.44
CA LYS B 195 -0.54 26.24 7.07
C LYS B 195 -0.38 25.14 6.00
N ILE B 196 0.84 24.80 5.57
CA ILE B 196 1.01 23.76 4.52
C ILE B 196 0.49 22.40 4.98
N VAL B 197 -0.11 21.75 4.02
CA VAL B 197 -0.70 20.44 4.24
C VAL B 197 0.12 19.36 3.50
N GLY B 198 0.26 18.22 4.15
CA GLY B 198 0.83 17.03 3.53
C GLY B 198 0.32 15.76 4.12
N PRO B 199 0.96 14.63 3.76
CA PRO B 199 0.74 13.32 4.38
C PRO B 199 1.32 13.29 5.77
N ARG B 200 1.10 12.23 6.53
CA ARG B 200 1.63 12.23 7.90
C ARG B 200 3.13 12.46 7.94
N LYS B 201 3.88 11.94 6.95
CA LYS B 201 5.35 12.05 6.94
C LYS B 201 5.76 12.54 5.58
N ASP B 202 5.78 11.69 4.57
CA ASP B 202 6.25 12.10 3.23
C ASP B 202 5.68 11.02 2.27
N ASP B 203 6.13 11.10 1.02
CA ASP B 203 5.76 10.09 0.01
C ASP B 203 6.86 9.11 -0.32
N ILE B 204 7.93 9.12 0.48
CA ILE B 204 9.05 8.17 0.30
C ILE B 204 8.43 6.79 0.50
N CYS B 205 8.65 5.84 -0.40
CA CYS B 205 7.98 4.59 -0.32
C CYS B 205 8.63 3.67 0.67
N TYR B 206 7.92 2.57 0.96
CA TYR B 206 8.40 1.60 1.91
C TYR B 206 9.75 1.03 1.54
N ALA B 207 9.95 0.83 0.23
CA ALA B 207 11.14 0.11 -0.23
C ALA B 207 12.36 1.00 -0.04
N THR B 208 12.20 2.32 -0.27
CA THR B 208 13.33 3.29 -0.12
C THR B 208 13.61 3.41 1.39
N THR B 209 12.60 3.63 2.23
CA THR B 209 12.85 3.70 3.66
C THR B 209 13.55 2.44 4.13
N ASN B 210 13.10 1.28 3.68
CA ASN B 210 13.63 0.03 4.25
C ASN B 210 15.04 -0.26 3.73
N ARG B 211 15.35 0.07 2.45
CA ARG B 211 16.72 -0.17 2.00
C ARG B 211 17.72 0.81 2.62
N GLN B 212 17.28 2.04 2.92
CA GLN B 212 18.16 2.97 3.64
C GLN B 212 18.36 2.47 5.07
N GLU B 213 17.34 2.01 5.76
CA GLU B 213 17.55 1.46 7.13
C GLU B 213 18.50 0.26 7.08
N ALA B 214 18.38 -0.56 6.06
CA ALA B 214 19.21 -1.77 5.95
C ALA B 214 20.63 -1.43 5.62
N VAL B 215 20.88 -0.36 4.87
CA VAL B 215 22.24 0.01 4.58
C VAL B 215 22.87 0.68 5.79
N ARG B 216 22.08 1.36 6.65
CA ARG B 216 22.59 1.90 7.87
C ARG B 216 23.12 0.76 8.71
N ALA B 217 22.36 -0.30 8.90
CA ALA B 217 22.82 -1.48 9.68
C ALA B 217 24.02 -2.10 9.01
N LEU B 218 24.07 -2.20 7.70
CA LEU B 218 25.17 -2.81 7.04
C LEU B 218 26.46 -1.97 7.25
N ALA B 219 26.37 -0.66 7.17
CA ALA B 219 27.53 0.21 7.18
C ALA B 219 28.10 0.26 8.59
N GLU B 220 27.30 0.05 9.63
CA GLU B 220 27.86 -0.05 10.99
C GLU B 220 28.86 -1.20 11.10
N GLN B 221 28.65 -2.30 10.38
CA GLN B 221 29.59 -3.41 10.47
C GLN B 221 30.69 -3.40 9.40
N ALA B 222 30.39 -2.99 8.20
CA ALA B 222 31.24 -3.14 7.04
C ALA B 222 32.20 -1.94 6.86
N GLU B 223 33.41 -2.20 6.46
CA GLU B 223 34.40 -1.16 6.13
C GLU B 223 34.22 -0.57 4.71
N VAL B 224 33.78 -1.44 3.82
CA VAL B 224 33.49 -1.10 2.42
C VAL B 224 32.09 -1.60 2.11
N VAL B 225 31.30 -0.75 1.49
CA VAL B 225 29.92 -1.12 1.06
C VAL B 225 29.82 -1.00 -0.47
N LEU B 226 29.47 -2.10 -1.14
CA LEU B 226 29.18 -2.11 -2.59
C LEU B 226 27.66 -2.06 -2.76
N VAL B 227 27.21 -1.11 -3.50
CA VAL B 227 25.82 -0.97 -3.86
C VAL B 227 25.61 -1.33 -5.33
N VAL B 228 24.90 -2.41 -5.59
CA VAL B 228 24.63 -2.76 -6.99
C VAL B 228 23.47 -1.83 -7.55
N GLY B 229 23.78 -1.02 -8.57
CA GLY B 229 22.79 -0.15 -9.13
C GLY B 229 23.47 0.66 -10.20
N SER B 230 22.67 1.24 -11.06
CA SER B 230 23.18 2.04 -12.23
C SER B 230 23.27 3.52 -11.76
N LYS B 231 24.06 4.25 -12.57
CA LYS B 231 24.33 5.66 -12.23
C LYS B 231 23.09 6.53 -12.24
N ASN B 232 22.14 6.22 -13.06
CA ASN B 232 20.89 6.97 -13.16
C ASN B 232 19.77 6.53 -12.17
N SER B 233 20.07 5.62 -11.24
CA SER B 233 19.09 5.16 -10.23
C SER B 233 19.18 6.07 -9.01
N SER B 234 18.19 6.90 -8.80
CA SER B 234 18.17 7.80 -7.67
C SER B 234 18.20 6.94 -6.37
N ASN B 235 17.37 5.89 -6.23
CA ASN B 235 17.34 5.18 -4.95
C ASN B 235 18.67 4.51 -4.65
N SER B 236 19.36 4.03 -5.72
CA SER B 236 20.63 3.32 -5.48
C SER B 236 21.67 4.39 -5.09
N ASN B 237 21.65 5.59 -5.71
CA ASN B 237 22.67 6.64 -5.30
C ASN B 237 22.41 6.97 -3.86
N ARG B 238 21.14 7.00 -3.40
CA ARG B 238 20.89 7.33 -1.95
C ARG B 238 21.54 6.28 -1.05
N LEU B 239 21.53 5.00 -1.46
CA LEU B 239 22.13 3.97 -0.59
C LEU B 239 23.67 4.14 -0.49
N ALA B 240 24.33 4.44 -1.60
CA ALA B 240 25.83 4.65 -1.60
C ALA B 240 26.14 5.90 -0.84
N GLU B 241 25.38 7.00 -1.00
CA GLU B 241 25.65 8.23 -0.27
C GLU B 241 25.43 7.99 1.21
N LEU B 242 24.45 7.22 1.67
CA LEU B 242 24.22 7.05 3.08
C LEU B 242 25.42 6.32 3.72
N ALA B 243 25.95 5.26 3.07
CA ALA B 243 27.12 4.54 3.58
C ALA B 243 28.34 5.47 3.63
N GLN B 244 28.55 6.29 2.63
CA GLN B 244 29.65 7.24 2.62
C GLN B 244 29.49 8.25 3.74
N ARG B 245 28.29 8.72 4.01
CA ARG B 245 28.12 9.74 5.06
C ARG B 245 28.38 9.15 6.43
N MET B 246 28.25 7.83 6.58
CA MET B 246 28.55 7.17 7.85
C MET B 246 30.02 6.86 7.98
N GLY B 247 30.81 7.28 6.97
CA GLY B 247 32.30 7.20 7.06
C GLY B 247 32.86 5.92 6.51
N LYS B 248 32.08 5.20 5.73
CA LYS B 248 32.56 3.99 5.12
C LYS B 248 32.92 4.29 3.65
N ARG B 249 33.73 3.43 3.07
CA ARG B 249 34.03 3.56 1.67
C ARG B 249 32.93 2.86 0.87
N ALA B 250 32.26 3.59 -0.03
CA ALA B 250 31.11 3.05 -0.75
C ALA B 250 31.30 3.15 -2.26
N PHE B 251 30.80 2.17 -3.02
CA PHE B 251 30.98 2.19 -4.44
C PHE B 251 29.65 1.78 -5.03
N LEU B 252 29.10 2.54 -5.97
CA LEU B 252 27.97 2.16 -6.78
C LEU B 252 28.48 1.41 -7.96
N ILE B 253 28.07 0.19 -8.16
CA ILE B 253 28.58 -0.66 -9.29
C ILE B 253 27.43 -1.25 -10.07
N ASP B 254 27.62 -1.36 -11.38
CA ASP B 254 26.68 -2.06 -12.21
C ASP B 254 26.70 -3.52 -12.11
N ASP B 255 27.92 -4.06 -11.96
CA ASP B 255 28.13 -5.49 -11.88
C ASP B 255 29.47 -5.84 -11.31
N ALA B 256 29.63 -7.12 -11.03
CA ALA B 256 30.86 -7.62 -10.41
C ALA B 256 32.08 -7.25 -11.18
N LYS B 257 31.96 -7.06 -12.47
CA LYS B 257 33.18 -6.73 -13.27
C LYS B 257 33.79 -5.38 -12.94
N ASP B 258 32.96 -4.50 -12.38
CA ASP B 258 33.38 -3.14 -11.97
C ASP B 258 34.30 -3.18 -10.76
N ILE B 259 34.23 -4.28 -10.00
CA ILE B 259 35.01 -4.29 -8.73
C ILE B 259 36.53 -4.29 -8.99
N GLN B 260 37.25 -3.37 -8.32
CA GLN B 260 38.72 -3.30 -8.48
C GLN B 260 39.31 -3.99 -7.26
N GLU B 261 40.35 -4.84 -7.42
CA GLU B 261 40.90 -5.55 -6.28
C GLU B 261 41.39 -4.61 -5.19
N GLU B 262 41.92 -3.44 -5.56
CA GLU B 262 42.43 -2.47 -4.59
C GLU B 262 41.40 -2.05 -3.55
N TRP B 263 40.15 -2.06 -3.98
CA TRP B 263 39.03 -1.58 -3.17
C TRP B 263 38.83 -2.42 -1.90
N VAL B 264 39.14 -3.72 -1.97
CA VAL B 264 38.88 -4.68 -0.87
C VAL B 264 40.17 -5.34 -0.37
N LYS B 265 41.30 -4.93 -0.89
CA LYS B 265 42.56 -5.52 -0.42
C LYS B 265 42.70 -5.26 1.09
N GLU B 266 42.88 -6.36 1.83
CA GLU B 266 43.00 -6.35 3.31
C GLU B 266 41.84 -5.74 4.08
N VAL B 267 40.70 -5.59 3.43
CA VAL B 267 39.50 -5.26 4.12
C VAL B 267 38.96 -6.51 4.80
N LYS B 268 38.57 -6.39 6.05
CA LYS B 268 38.11 -7.55 6.81
C LYS B 268 36.62 -7.80 6.73
N CYS B 269 35.83 -6.77 6.41
CA CYS B 269 34.37 -6.97 6.33
C CYS B 269 33.83 -6.08 5.21
N VAL B 270 33.23 -6.71 4.22
CA VAL B 270 32.70 -5.98 3.03
C VAL B 270 31.20 -6.26 2.99
N GLY B 271 30.40 -5.20 2.83
CA GLY B 271 28.92 -5.32 2.78
C GLY B 271 28.48 -5.12 1.37
N VAL B 272 27.43 -5.80 0.98
CA VAL B 272 26.79 -5.66 -0.36
C VAL B 272 25.30 -5.41 -0.17
N THR B 273 24.87 -4.42 -0.90
CA THR B 273 23.40 -4.23 -1.04
C THR B 273 23.09 -3.97 -2.49
N ALA B 274 21.83 -3.71 -2.82
CA ALA B 274 21.37 -3.48 -4.20
C ALA B 274 20.20 -2.52 -4.13
N GLY B 275 20.14 -1.61 -5.06
CA GLY B 275 19.04 -0.72 -5.23
C GLY B 275 17.78 -1.46 -5.68
N ALA B 276 16.70 -0.71 -5.71
CA ALA B 276 15.39 -1.38 -5.93
C ALA B 276 15.22 -1.96 -7.32
N SER B 277 16.07 -1.50 -8.25
CA SER B 277 16.03 -1.88 -9.65
C SER B 277 17.05 -2.88 -10.04
N ALA B 278 17.82 -3.42 -9.10
CA ALA B 278 18.94 -4.36 -9.43
C ALA B 278 18.57 -5.81 -9.18
N PRO B 279 18.56 -6.68 -10.20
CA PRO B 279 18.17 -8.09 -10.03
C PRO B 279 19.17 -8.84 -9.11
N ASP B 280 18.67 -9.87 -8.44
CA ASP B 280 19.47 -10.58 -7.49
C ASP B 280 20.63 -11.33 -8.15
N ILE B 281 20.51 -11.69 -9.43
CA ILE B 281 21.64 -12.39 -10.02
C ILE B 281 22.92 -11.53 -10.02
N LEU B 282 22.74 -10.19 -10.09
CA LEU B 282 23.93 -9.33 -10.07
C LEU B 282 24.56 -9.35 -8.68
N VAL B 283 23.75 -9.45 -7.60
CA VAL B 283 24.31 -9.57 -6.23
C VAL B 283 25.07 -10.92 -6.12
N GLN B 284 24.49 -12.00 -6.65
CA GLN B 284 25.14 -13.32 -6.56
C GLN B 284 26.49 -13.29 -7.25
N ASN B 285 26.58 -12.59 -8.39
CA ASN B 285 27.86 -12.51 -9.15
C ASN B 285 28.83 -11.64 -8.38
N VAL B 286 28.37 -10.57 -7.75
CA VAL B 286 29.24 -9.79 -6.86
C VAL B 286 29.81 -10.64 -5.77
N VAL B 287 28.95 -11.43 -5.07
CA VAL B 287 29.46 -12.31 -4.01
C VAL B 287 30.51 -13.29 -4.58
N ALA B 288 30.26 -13.87 -5.75
CA ALA B 288 31.21 -14.83 -6.35
C ALA B 288 32.55 -14.13 -6.64
N ARG B 289 32.52 -12.89 -7.05
CA ARG B 289 33.76 -12.19 -7.34
C ARG B 289 34.49 -11.84 -6.06
N LEU B 290 33.78 -11.44 -5.00
CA LEU B 290 34.40 -11.15 -3.73
C LEU B 290 34.99 -12.44 -3.16
N GLN B 291 34.42 -13.61 -3.40
CA GLN B 291 35.00 -14.88 -2.93
C GLN B 291 36.30 -15.17 -3.69
N GLN B 292 36.41 -14.73 -4.95
CA GLN B 292 37.67 -14.90 -5.70
C GLN B 292 38.72 -14.02 -5.02
N LEU B 293 38.29 -12.96 -4.37
CA LEU B 293 39.14 -12.03 -3.74
C LEU B 293 39.27 -12.31 -2.26
N GLY B 294 38.95 -13.54 -1.84
CA GLY B 294 39.20 -13.89 -0.45
C GLY B 294 38.02 -13.96 0.47
N GLY B 295 36.87 -13.44 0.03
CA GLY B 295 35.66 -13.51 0.88
C GLY B 295 35.23 -14.93 1.17
N GLY B 296 34.53 -15.10 2.30
CA GLY B 296 33.93 -16.41 2.68
C GLY B 296 32.49 -16.52 2.28
N GLU B 297 31.72 -17.34 3.00
CA GLU B 297 30.28 -17.47 2.76
C GLU B 297 29.56 -16.19 3.09
N ALA B 298 28.63 -15.79 2.21
CA ALA B 298 27.95 -14.51 2.39
C ALA B 298 26.94 -14.72 3.50
N ILE B 299 26.94 -13.78 4.43
CA ILE B 299 26.06 -13.82 5.57
C ILE B 299 24.96 -12.75 5.44
N PRO B 300 23.71 -13.18 5.25
CA PRO B 300 22.57 -12.29 5.31
C PRO B 300 22.32 -11.60 6.68
N LEU B 301 22.15 -10.30 6.74
CA LEU B 301 21.76 -9.63 7.97
C LEU B 301 20.29 -9.82 8.15
N GLU B 302 19.85 -9.78 9.40
CA GLU B 302 18.40 -9.94 9.63
C GLU B 302 17.80 -8.57 9.35
N GLY B 303 16.67 -8.56 8.67
CA GLY B 303 16.01 -7.27 8.43
C GLY B 303 14.50 -7.26 8.51
N ARG B 304 13.92 -6.07 8.37
CA ARG B 304 12.46 -5.86 8.29
C ARG B 304 11.81 -6.71 7.16
N GLU B 305 10.69 -7.38 7.51
CA GLU B 305 9.92 -8.11 6.53
C GLU B 305 9.29 -7.20 5.49
N GLU B 306 9.39 -7.60 4.21
CA GLU B 306 8.54 -6.94 3.21
C GLU B 306 7.53 -7.93 2.75
N ASN B 307 6.28 -7.54 2.67
CA ASN B 307 5.21 -8.44 2.23
C ASN B 307 4.35 -7.99 1.07
N ILE B 308 4.58 -6.78 0.61
CA ILE B 308 3.78 -6.20 -0.50
C ILE B 308 4.19 -6.72 -1.87
N VAL B 309 3.16 -7.01 -2.67
CA VAL B 309 3.29 -7.42 -4.09
C VAL B 309 2.24 -6.69 -4.84
N PHE B 310 2.66 -6.22 -6.02
CA PHE B 310 1.73 -5.58 -7.01
C PHE B 310 1.59 -6.50 -8.21
N GLU B 311 0.38 -6.93 -8.54
CA GLU B 311 0.21 -7.86 -9.67
C GLU B 311 0.27 -7.09 -11.01
N VAL B 312 0.66 -7.81 -12.07
CA VAL B 312 0.57 -7.30 -13.46
C VAL B 312 -0.94 -7.20 -13.86
N PRO B 313 -1.26 -6.34 -14.86
CA PRO B 313 -2.67 -6.36 -15.33
C PRO B 313 -3.05 -7.79 -15.73
N LYS B 314 -4.30 -8.11 -15.48
CA LYS B 314 -4.80 -9.45 -15.79
C LYS B 314 -4.58 -9.89 -17.23
N GLU B 315 -4.67 -8.91 -18.16
CA GLU B 315 -4.38 -9.12 -19.61
C GLU B 315 -3.00 -9.71 -19.87
N LEU B 316 -2.04 -9.36 -19.00
CA LEU B 316 -0.68 -9.81 -19.12
C LEU B 316 -0.27 -10.96 -18.20
N ARG B 317 -1.21 -11.60 -17.53
CA ARG B 317 -0.90 -12.85 -16.83
C ARG B 317 -0.31 -13.91 -17.74
N VAL B 318 0.75 -14.57 -17.26
CA VAL B 318 1.37 -15.72 -17.94
C VAL B 318 1.11 -16.97 -17.04
#